data_5HNB
#
_entry.id   5HNB
#
_cell.length_a   71.232
_cell.length_b   71.439
_cell.length_c   171.000
_cell.angle_alpha   90.00
_cell.angle_beta   90.00
_cell.angle_gamma   90.00
#
_symmetry.space_group_name_H-M   'P 21 21 21'
#
loop_
_entity.id
_entity.type
_entity.pdbx_description
1 polymer 'Cyclin-dependent kinase 8'
2 polymer Cyclin-C
3 non-polymer [6-hydroxy-3-(3-methylbenzyl)-1H-indazol-5-yl][(3S)-3-hydroxypyrrolidin-1-yl]methanone
4 non-polymer 'FORMIC ACID'
5 non-polymer 1,2-ETHANEDIOL
6 water water
#
loop_
_entity_poly.entity_id
_entity_poly.type
_entity_poly.pdbx_seq_one_letter_code
_entity_poly.pdbx_strand_id
1 'polypeptide(L)'
;DDKMDYDFKVKLSSERERVEDLFEYEGCKVGRGTYGHVYKAKRKDGKDDKDYALKQIEGTGISMSACREIALLRELKHPN
VISLQKVFLSHADRKVWLLFDYAEHDLWHIIKFHRASKANKKPVQLPRGMVKSLLYQILDGIHYLHANWVLHRDLKPANI
LVMGEGPERGRVKIADMGFARLFNSPLKPLADLDPVVVTFWYRAPELLLGARHYTKAIDIWAIGCIFAELLTSEPIFHCR
QEDIKTSNPYHHDQLDRIFNVMGFPADKDWEDIKKMPEHSTLMKDFRRNTYTNCSLIKYMEKHKVKPDSKAFHLLQKLLT
MDPIKRITSEQAMQDPYFLEDPLPTSDVFAGCQIPYPKREFLTEEPPLKK
;
A
2 'polypeptide(L)'
;KAMAGNFWQSSHYLQWILDKQDLLKERQKDLKFLSEEEYWKLQIFFTNVIQALGEHLKLRQQVIATATVYFKRFYARYSL
KSIDPVLMAPTCVFLASKVEEFGVVSNTRLIAAATSVLKTRFSYAFPKEFPYRMNHILECEFYLLELMDCCLIVYHPYRP
LLQYVQDMGQEDMLLPLAWRIVNDTYRTDLCLLYPPFMIALACLHVACVVQQKDARQWFAELSVDMEKILEIIRVILKLY
EQWKNFDERKEMATILSKMPKPKPPP
;
B
#
# COMPACT_ATOMS: atom_id res chain seq x y z
N ASP A 1 12.33 -7.06 -26.61
CA ASP A 1 13.75 -7.36 -26.24
C ASP A 1 14.28 -8.53 -27.08
N ASP A 2 15.56 -8.46 -27.43
CA ASP A 2 16.23 -9.52 -28.19
C ASP A 2 16.47 -10.77 -27.35
N LYS A 3 16.88 -10.58 -26.09
CA LYS A 3 17.19 -11.69 -25.18
C LYS A 3 15.93 -12.31 -24.50
N MET A 4 14.75 -11.73 -24.72
CA MET A 4 13.49 -12.36 -24.31
C MET A 4 13.06 -13.38 -25.38
N ASP A 5 12.43 -14.46 -24.93
CA ASP A 5 11.92 -15.49 -25.84
C ASP A 5 10.78 -14.92 -26.69
N TYR A 6 10.88 -15.11 -28.00
CA TYR A 6 9.94 -14.52 -28.97
C TYR A 6 8.53 -15.10 -28.85
N ASP A 7 8.42 -16.42 -28.70
CA ASP A 7 7.10 -17.08 -28.56
C ASP A 7 6.34 -16.58 -27.34
N PHE A 8 7.06 -16.49 -26.21
CA PHE A 8 6.55 -15.91 -24.96
C PHE A 8 6.08 -14.46 -25.16
N LYS A 9 6.84 -13.68 -25.91
CA LYS A 9 6.54 -12.25 -26.15
C LYS A 9 5.26 -12.04 -26.99
N VAL A 10 5.14 -12.77 -28.10
CA VAL A 10 4.00 -12.63 -29.01
C VAL A 10 2.70 -13.23 -28.45
N LYS A 11 2.81 -14.32 -27.69
CA LYS A 11 1.66 -14.90 -26.98
C LYS A 11 1.05 -13.89 -26.01
N LEU A 12 1.89 -13.30 -25.15
CA LEU A 12 1.44 -12.28 -24.19
C LEU A 12 0.88 -11.03 -24.87
N SER A 13 1.51 -10.62 -25.98
CA SER A 13 1.05 -9.47 -26.75
C SER A 13 -0.31 -9.72 -27.41
N SER A 14 -0.53 -10.95 -27.89
CA SER A 14 -1.81 -11.36 -28.47
C SER A 14 -2.94 -11.39 -27.43
N GLU A 15 -2.63 -11.80 -26.20
CA GLU A 15 -3.62 -11.98 -25.12
C GLU A 15 -3.88 -10.73 -24.28
N ARG A 16 -2.95 -9.77 -24.27
CA ARG A 16 -3.02 -8.63 -23.35
C ARG A 16 -4.18 -7.67 -23.67
N GLU A 17 -5.03 -7.44 -22.67
CA GLU A 17 -6.17 -6.52 -22.79
C GLU A 17 -5.66 -5.08 -22.82
N ARG A 18 -5.99 -4.35 -23.88
CA ARG A 18 -5.62 -2.95 -24.03
C ARG A 18 -6.81 -2.08 -23.61
N VAL A 19 -6.53 -0.99 -22.89
CA VAL A 19 -7.58 -0.09 -22.38
C VAL A 19 -8.45 0.53 -23.49
N GLU A 20 -7.85 0.83 -24.64
CA GLU A 20 -8.56 1.42 -25.79
C GLU A 20 -9.52 0.46 -26.51
N ASP A 21 -9.28 -0.85 -26.39
CA ASP A 21 -10.15 -1.87 -26.99
C ASP A 21 -11.36 -2.22 -26.12
N LEU A 22 -11.20 -2.19 -24.80
CA LEU A 22 -12.28 -2.55 -23.87
C LEU A 22 -13.24 -1.40 -23.52
N PHE A 23 -12.77 -0.16 -23.58
CA PHE A 23 -13.51 0.99 -23.05
C PHE A 23 -13.56 2.18 -24.01
N GLU A 24 -14.69 2.89 -23.97
CA GLU A 24 -14.89 4.14 -24.72
C GLU A 24 -14.77 5.29 -23.73
N TYR A 25 -13.77 6.15 -23.94
CA TYR A 25 -13.51 7.28 -23.02
C TYR A 25 -13.03 8.59 -23.67
N GLU A 26 -12.80 8.61 -24.98
CA GLU A 26 -12.26 9.81 -25.65
C GLU A 26 -13.26 10.98 -25.60
N GLY A 27 -12.78 12.13 -25.16
CA GLY A 27 -13.62 13.30 -24.91
C GLY A 27 -14.41 13.27 -23.60
N CYS A 28 -14.26 12.22 -22.80
CA CYS A 28 -15.04 12.03 -21.57
C CYS A 28 -14.21 12.26 -20.30
N LYS A 29 -13.27 13.21 -20.34
CA LYS A 29 -12.50 13.57 -19.15
C LYS A 29 -13.39 14.31 -18.16
N VAL A 30 -13.37 13.87 -16.89
CA VAL A 30 -14.11 14.52 -15.79
C VAL A 30 -13.21 15.09 -14.69
N GLY A 31 -11.89 14.87 -14.78
CA GLY A 31 -10.94 15.33 -13.77
C GLY A 31 -9.54 15.45 -14.31
N ARG A 32 -8.77 16.36 -13.72
CA ARG A 32 -7.39 16.62 -14.14
C ARG A 32 -6.63 17.29 -12.98
N GLY A 33 -5.54 16.65 -12.55
CA GLY A 33 -4.74 17.19 -11.44
C GLY A 33 -3.43 16.46 -11.23
N THR A 34 -2.88 16.60 -10.03
CA THR A 34 -1.62 15.95 -9.64
C THR A 34 -1.72 14.41 -9.64
N TYR A 35 -2.91 13.89 -9.34
CA TYR A 35 -3.20 12.45 -9.49
C TYR A 35 -3.05 11.95 -10.93
N GLY A 36 -3.48 12.75 -11.89
CA GLY A 36 -3.39 12.42 -13.32
C GLY A 36 -4.64 12.85 -14.08
N HIS A 37 -5.16 11.96 -14.92
CA HIS A 37 -6.36 12.21 -15.73
C HIS A 37 -7.42 11.15 -15.37
N VAL A 38 -8.64 11.60 -15.03
CA VAL A 38 -9.77 10.70 -14.76
C VAL A 38 -10.87 10.85 -15.83
N TYR A 39 -11.38 9.72 -16.31
CA TYR A 39 -12.39 9.68 -17.39
C TYR A 39 -13.62 8.89 -16.98
N LYS A 40 -14.79 9.32 -17.44
CA LYS A 40 -16.01 8.53 -17.39
C LYS A 40 -16.02 7.63 -18.61
N ALA A 41 -16.22 6.33 -18.41
CA ALA A 41 -16.07 5.34 -19.47
C ALA A 41 -17.19 4.30 -19.50
N LYS A 42 -17.53 3.85 -20.70
CA LYS A 42 -18.47 2.75 -20.90
C LYS A 42 -17.73 1.56 -21.50
N ARG A 43 -18.25 0.36 -21.23
CA ARG A 43 -17.69 -0.89 -21.76
C ARG A 43 -18.12 -1.02 -23.23
N LYS A 44 -17.17 -1.32 -24.11
CA LYS A 44 -17.42 -1.29 -25.56
C LYS A 44 -18.32 -2.43 -26.05
N ASP A 45 -18.12 -3.64 -25.54
CA ASP A 45 -19.11 -4.71 -25.68
C ASP A 45 -20.33 -4.41 -24.80
N GLY A 46 -21.50 -4.89 -25.21
CA GLY A 46 -22.76 -4.60 -24.52
C GLY A 46 -23.13 -5.60 -23.43
N LYS A 47 -22.19 -5.92 -22.55
CA LYS A 47 -22.41 -6.86 -21.45
C LYS A 47 -23.17 -6.19 -20.31
N ASP A 48 -22.72 -5.00 -19.93
CA ASP A 48 -23.43 -4.15 -18.96
C ASP A 48 -23.26 -2.67 -19.31
N ASP A 49 -24.28 -1.86 -19.00
CA ASP A 49 -24.31 -0.43 -19.34
C ASP A 49 -23.94 0.48 -18.15
N LYS A 50 -23.10 -0.03 -17.25
CA LYS A 50 -22.65 0.74 -16.08
C LYS A 50 -21.60 1.77 -16.47
N ASP A 51 -21.51 2.84 -15.68
CA ASP A 51 -20.44 3.84 -15.82
C ASP A 51 -19.21 3.38 -15.05
N TYR A 52 -18.03 3.64 -15.61
CA TYR A 52 -16.75 3.34 -14.95
C TYR A 52 -15.86 4.58 -14.92
N ALA A 53 -15.04 4.68 -13.88
CA ALA A 53 -13.99 5.70 -13.77
C ALA A 53 -12.66 5.09 -14.21
N LEU A 54 -12.02 5.68 -15.21
CA LEU A 54 -10.67 5.30 -15.65
C LEU A 54 -9.70 6.40 -15.24
N LYS A 55 -8.69 6.03 -14.45
CA LYS A 55 -7.63 6.94 -14.02
C LYS A 55 -6.35 6.59 -14.76
N GLN A 56 -5.86 7.53 -15.57
CA GLN A 56 -4.52 7.43 -16.14
C GLN A 56 -3.57 8.09 -15.13
N ILE A 57 -2.64 7.30 -14.59
CA ILE A 57 -1.71 7.79 -13.58
C ILE A 57 -0.74 8.81 -14.19
N GLU A 58 -0.44 9.87 -13.44
CA GLU A 58 0.49 10.93 -13.86
C GLU A 58 1.90 10.37 -14.08
N GLY A 59 2.53 10.76 -15.18
CA GLY A 59 3.89 10.32 -15.54
C GLY A 59 3.92 9.07 -16.39
N THR A 60 5.10 8.47 -16.50
CA THR A 60 5.31 7.22 -17.26
C THR A 60 5.99 6.16 -16.39
N GLY A 61 5.88 4.90 -16.81
CA GLY A 61 6.46 3.78 -16.07
C GLY A 61 5.73 3.54 -14.76
N ILE A 62 6.46 3.04 -13.77
CA ILE A 62 5.91 2.78 -12.45
C ILE A 62 6.75 3.52 -11.41
N SER A 63 6.30 4.71 -11.04
CA SER A 63 6.98 5.51 -10.01
C SER A 63 6.69 4.94 -8.63
N MET A 64 7.36 5.48 -7.63
CA MET A 64 7.20 5.03 -6.24
C MET A 64 5.77 5.24 -5.73
N SER A 65 5.16 6.36 -6.12
CA SER A 65 3.76 6.65 -5.82
C SER A 65 2.79 5.74 -6.57
N ALA A 66 3.10 5.44 -7.83
CA ALA A 66 2.32 4.49 -8.63
C ALA A 66 2.40 3.05 -8.10
N CYS A 67 3.59 2.63 -7.69
N CYS A 67 3.59 2.63 -7.68
CA CYS A 67 3.84 1.30 -7.13
CA CYS A 67 3.80 1.27 -7.15
C CYS A 67 3.05 1.04 -5.85
C CYS A 67 3.04 1.04 -5.85
N ARG A 68 3.08 2.01 -4.94
CA ARG A 68 2.39 1.92 -3.64
C ARG A 68 0.86 1.99 -3.75
N GLU A 69 0.35 2.81 -4.68
CA GLU A 69 -1.09 2.92 -4.90
C GLU A 69 -1.68 1.60 -5.41
N ILE A 70 -0.99 0.96 -6.35
CA ILE A 70 -1.38 -0.34 -6.86
C ILE A 70 -1.28 -1.40 -5.74
N ALA A 71 -0.14 -1.44 -5.04
CA ALA A 71 0.11 -2.39 -3.94
C ALA A 71 -1.01 -2.40 -2.90
N LEU A 72 -1.34 -1.22 -2.39
CA LEU A 72 -2.34 -1.07 -1.34
C LEU A 72 -3.78 -1.25 -1.82
N LEU A 73 -4.12 -0.71 -3.00
CA LEU A 73 -5.48 -0.87 -3.56
C LEU A 73 -5.77 -2.33 -3.90
N ARG A 74 -4.74 -3.04 -4.36
CA ARG A 74 -4.84 -4.48 -4.61
C ARG A 74 -5.28 -5.30 -3.37
N GLU A 75 -4.95 -4.82 -2.17
CA GLU A 75 -5.30 -5.49 -0.90
C GLU A 75 -6.60 -4.97 -0.24
N LEU A 76 -6.82 -3.66 -0.29
CA LEU A 76 -7.90 -3.05 0.51
C LEU A 76 -9.28 -3.41 -0.02
N LYS A 77 -10.16 -3.89 0.88
CA LYS A 77 -11.57 -4.16 0.56
C LYS A 77 -12.49 -3.73 1.71
N HIS A 78 -13.33 -2.72 1.44
CA HIS A 78 -14.30 -2.20 2.41
C HIS A 78 -15.36 -1.37 1.66
N PRO A 79 -16.65 -1.41 2.10
CA PRO A 79 -17.69 -0.69 1.35
C PRO A 79 -17.51 0.82 1.18
N ASN A 80 -16.82 1.46 2.13
CA ASN A 80 -16.62 2.92 2.13
C ASN A 80 -15.25 3.40 1.63
N VAL A 81 -14.47 2.50 1.04
CA VAL A 81 -13.23 2.84 0.34
C VAL A 81 -13.37 2.40 -1.11
N ILE A 82 -13.06 3.31 -2.04
CA ILE A 82 -13.17 3.04 -3.48
C ILE A 82 -12.33 1.80 -3.85
N SER A 83 -12.91 0.94 -4.70
CA SER A 83 -12.37 -0.40 -4.95
C SER A 83 -11.78 -0.52 -6.36
N LEU A 84 -10.49 -0.87 -6.44
CA LEU A 84 -9.80 -1.09 -7.71
C LEU A 84 -10.33 -2.35 -8.41
N GLN A 85 -10.89 -2.17 -9.60
CA GLN A 85 -11.45 -3.29 -10.39
C GLN A 85 -10.40 -3.97 -11.29
N LYS A 86 -9.48 -3.18 -11.85
CA LYS A 86 -8.52 -3.70 -12.84
C LYS A 86 -7.37 -2.71 -13.08
N VAL A 87 -6.20 -3.24 -13.46
CA VAL A 87 -5.04 -2.43 -13.87
C VAL A 87 -4.67 -2.76 -15.32
N PHE A 88 -4.53 -1.73 -16.15
CA PHE A 88 -4.00 -1.87 -17.52
C PHE A 88 -2.60 -1.27 -17.58
N LEU A 89 -1.65 -2.05 -18.07
CA LEU A 89 -0.28 -1.62 -18.29
C LEU A 89 -0.05 -1.49 -19.80
N SER A 90 0.11 -0.25 -20.26
CA SER A 90 0.22 0.08 -21.67
C SER A 90 1.69 0.10 -22.08
N HIS A 91 2.14 -0.93 -22.79
CA HIS A 91 3.56 -1.14 -23.10
C HIS A 91 4.15 -0.15 -24.11
N ALA A 92 3.34 0.30 -25.08
CA ALA A 92 3.80 1.21 -26.15
C ALA A 92 4.28 2.57 -25.63
N ASP A 93 3.48 3.17 -24.74
CA ASP A 93 3.76 4.49 -24.15
C ASP A 93 4.18 4.46 -22.66
N ARG A 94 4.20 3.26 -22.06
CA ARG A 94 4.53 3.06 -20.63
C ARG A 94 3.61 3.82 -19.67
N LYS A 95 2.30 3.81 -19.96
CA LYS A 95 1.30 4.44 -19.10
C LYS A 95 0.51 3.38 -18.31
N VAL A 96 0.08 3.74 -17.11
CA VAL A 96 -0.68 2.87 -16.21
C VAL A 96 -2.10 3.42 -16.06
N TRP A 97 -3.09 2.56 -16.29
CA TRP A 97 -4.51 2.90 -16.13
C TRP A 97 -5.15 2.07 -15.03
N LEU A 98 -5.95 2.71 -14.19
CA LEU A 98 -6.67 2.04 -13.11
C LEU A 98 -8.18 2.17 -13.33
N LEU A 99 -8.90 1.07 -13.18
CA LEU A 99 -10.35 1.03 -13.38
C LEU A 99 -11.06 0.95 -12.03
N PHE A 100 -11.99 1.88 -11.78
CA PHE A 100 -12.86 1.89 -10.59
C PHE A 100 -14.32 2.01 -11.02
N ASP A 101 -15.24 1.71 -10.10
CA ASP A 101 -16.66 2.04 -10.30
C ASP A 101 -16.83 3.56 -10.26
N TYR A 102 -17.82 4.05 -11.00
CA TYR A 102 -18.02 5.48 -11.19
C TYR A 102 -18.93 6.04 -10.11
N ALA A 103 -18.45 7.09 -9.42
CA ALA A 103 -19.23 7.81 -8.41
C ALA A 103 -19.68 9.14 -9.01
N GLU A 104 -21.00 9.32 -9.12
CA GLU A 104 -21.58 10.53 -9.73
C GLU A 104 -21.32 11.81 -8.91
N HIS A 105 -21.24 11.67 -7.59
CA HIS A 105 -21.20 12.81 -6.67
C HIS A 105 -19.98 12.81 -5.74
N ASP A 106 -19.79 13.94 -5.07
CA ASP A 106 -18.77 14.09 -4.03
C ASP A 106 -19.15 15.22 -3.09
N LEU A 107 -18.49 15.29 -1.94
CA LEU A 107 -18.84 16.29 -0.91
C LEU A 107 -18.51 17.73 -1.30
N TRP A 108 -17.48 17.93 -2.13
CA TRP A 108 -17.14 19.27 -2.65
C TRP A 108 -18.31 19.87 -3.45
N HIS A 109 -18.85 19.11 -4.39
CA HIS A 109 -20.01 19.55 -5.21
C HIS A 109 -21.31 19.62 -4.41
N ILE A 110 -21.56 18.61 -3.57
CA ILE A 110 -22.75 18.59 -2.70
C ILE A 110 -22.81 19.81 -1.76
N ILE A 111 -21.70 20.10 -1.09
CA ILE A 111 -21.61 21.26 -0.18
C ILE A 111 -21.74 22.57 -0.95
N LYS A 112 -21.11 22.67 -2.12
CA LYS A 112 -21.21 23.86 -2.98
C LYS A 112 -22.65 24.15 -3.44
N PHE A 113 -23.42 23.09 -3.70
CA PHE A 113 -24.84 23.20 -4.05
C PHE A 113 -25.66 23.87 -2.93
N HIS A 114 -25.45 23.43 -1.69
CA HIS A 114 -26.12 24.01 -0.53
C HIS A 114 -25.61 25.43 -0.21
N ARG A 115 -24.30 25.64 -0.39
CA ARG A 115 -23.68 26.96 -0.21
C ARG A 115 -24.15 27.97 -1.29
N ALA A 116 -24.40 27.48 -2.51
CA ALA A 116 -24.91 28.30 -3.62
C ALA A 116 -26.36 28.74 -3.43
N SER A 117 -27.17 27.90 -2.77
CA SER A 117 -28.59 28.21 -2.49
C SER A 117 -28.72 29.35 -1.47
N LYS A 118 -28.54 30.58 -1.95
CA LYS A 118 -28.56 31.79 -1.12
C LYS A 118 -29.94 32.47 -1.10
N ALA A 119 -30.63 32.45 -2.24
CA ALA A 119 -31.95 33.09 -2.39
C ALA A 119 -33.03 32.39 -1.57
N LEU A 126 -34.19 16.58 4.68
CA LEU A 126 -33.27 15.46 4.58
C LEU A 126 -31.89 15.69 5.22
N PRO A 127 -31.21 16.81 4.88
CA PRO A 127 -29.80 17.06 5.28
C PRO A 127 -29.30 16.66 6.68
N ARG A 128 -30.11 16.81 7.73
CA ARG A 128 -29.66 16.45 9.09
C ARG A 128 -29.47 14.93 9.28
N GLY A 129 -30.39 14.14 8.71
CA GLY A 129 -30.20 12.69 8.57
C GLY A 129 -29.07 12.33 7.59
N MET A 130 -28.89 13.15 6.57
CA MET A 130 -27.83 12.98 5.56
C MET A 130 -26.45 13.27 6.13
N VAL A 131 -26.33 14.36 6.89
CA VAL A 131 -25.06 14.77 7.53
C VAL A 131 -24.50 13.69 8.45
N LYS A 132 -25.36 13.15 9.32
CA LYS A 132 -24.96 12.07 10.23
C LYS A 132 -24.49 10.83 9.47
N SER A 133 -25.29 10.39 8.49
CA SER A 133 -24.99 9.21 7.68
C SER A 133 -23.70 9.33 6.87
N LEU A 134 -23.43 10.53 6.34
CA LEU A 134 -22.18 10.83 5.67
C LEU A 134 -21.00 10.67 6.64
N LEU A 135 -21.07 11.37 7.78
CA LEU A 135 -20.05 11.30 8.83
C LEU A 135 -19.76 9.86 9.28
N TYR A 136 -20.82 9.09 9.55
CA TYR A 136 -20.66 7.70 9.99
C TYR A 136 -19.88 6.84 8.97
N GLN A 137 -20.21 6.99 7.69
CA GLN A 137 -19.54 6.23 6.63
C GLN A 137 -18.09 6.69 6.38
N ILE A 138 -17.82 7.99 6.47
CA ILE A 138 -16.43 8.49 6.45
C ILE A 138 -15.60 7.92 7.62
N LEU A 139 -16.17 7.89 8.82
CA LEU A 139 -15.48 7.29 9.98
C LEU A 139 -15.22 5.79 9.84
N ASP A 140 -16.22 5.08 9.31
CA ASP A 140 -16.12 3.64 9.04
C ASP A 140 -15.03 3.31 8.03
N GLY A 141 -14.96 4.09 6.95
CA GLY A 141 -13.95 3.92 5.91
C GLY A 141 -12.54 4.16 6.40
N ILE A 142 -12.35 5.26 7.13
CA ILE A 142 -11.04 5.65 7.69
C ILE A 142 -10.61 4.72 8.82
N HIS A 143 -11.55 4.29 9.66
CA HIS A 143 -11.29 3.24 10.65
C HIS A 143 -10.73 1.94 10.03
N TYR A 144 -11.28 1.52 8.89
CA TYR A 144 -10.79 0.33 8.18
C TYR A 144 -9.35 0.51 7.69
N LEU A 145 -9.05 1.67 7.11
CA LEU A 145 -7.69 1.99 6.66
C LEU A 145 -6.73 2.05 7.86
N HIS A 146 -7.15 2.76 8.91
CA HIS A 146 -6.36 2.92 10.14
C HIS A 146 -6.04 1.60 10.85
N ALA A 147 -7.03 0.72 10.98
CA ALA A 147 -6.83 -0.64 11.52
C ALA A 147 -5.78 -1.46 10.72
N ASN A 148 -5.68 -1.19 9.42
CA ASN A 148 -4.65 -1.75 8.54
C ASN A 148 -3.38 -0.90 8.43
N TRP A 149 -3.21 0.05 9.35
CA TRP A 149 -2.06 0.98 9.36
C TRP A 149 -1.82 1.74 8.05
N VAL A 150 -2.92 2.11 7.39
CA VAL A 150 -2.90 2.90 6.17
C VAL A 150 -3.52 4.25 6.51
N LEU A 151 -2.73 5.32 6.39
CA LEU A 151 -3.20 6.68 6.57
C LEU A 151 -3.63 7.24 5.21
N HIS A 152 -4.59 8.16 5.22
CA HIS A 152 -5.04 8.82 3.99
C HIS A 152 -4.08 9.94 3.62
N ARG A 153 -3.83 10.83 4.58
CA ARG A 153 -2.85 11.92 4.49
C ARG A 153 -3.25 13.13 3.62
N ASP A 154 -4.47 13.12 3.07
CA ASP A 154 -4.96 14.21 2.20
C ASP A 154 -6.50 14.28 2.19
N LEU A 155 -7.12 14.15 3.36
CA LEU A 155 -8.59 14.11 3.49
C LEU A 155 -9.22 15.50 3.31
N LYS A 156 -10.21 15.57 2.43
CA LYS A 156 -10.98 16.82 2.17
C LYS A 156 -12.25 16.47 1.37
N PRO A 157 -13.24 17.38 1.31
CA PRO A 157 -14.51 17.06 0.62
C PRO A 157 -14.40 16.57 -0.82
N ALA A 158 -13.44 17.09 -1.59
CA ALA A 158 -13.21 16.62 -2.97
C ALA A 158 -12.83 15.12 -3.08
N ASN A 159 -12.28 14.55 -2.00
CA ASN A 159 -11.89 13.14 -1.94
C ASN A 159 -12.91 12.19 -1.28
N ILE A 160 -14.04 12.73 -0.83
CA ILE A 160 -15.15 11.94 -0.31
C ILE A 160 -16.22 11.82 -1.40
N LEU A 161 -16.16 10.72 -2.15
CA LEU A 161 -17.12 10.47 -3.23
C LEU A 161 -18.40 9.89 -2.64
N VAL A 162 -19.50 10.07 -3.35
CA VAL A 162 -20.81 9.47 -3.02
C VAL A 162 -21.42 8.90 -4.29
N MET A 163 -21.82 7.64 -4.23
CA MET A 163 -22.35 6.95 -5.40
C MET A 163 -23.75 7.43 -5.76
N GLY A 164 -24.03 7.49 -7.07
CA GLY A 164 -25.36 7.87 -7.59
C GLY A 164 -26.27 6.68 -7.81
N GLU A 165 -27.28 6.86 -8.66
CA GLU A 165 -28.29 5.83 -8.94
C GLU A 165 -27.63 4.53 -9.41
N GLY A 166 -28.07 3.42 -8.84
CA GLY A 166 -27.44 2.11 -9.04
C GLY A 166 -27.57 1.25 -7.79
N PRO A 167 -26.88 0.10 -7.77
CA PRO A 167 -26.93 -0.81 -6.60
C PRO A 167 -26.36 -0.22 -5.29
N GLU A 168 -25.46 0.76 -5.37
CA GLU A 168 -24.83 1.38 -4.19
C GLU A 168 -25.27 2.83 -3.93
N ARG A 169 -26.54 3.13 -4.25
CA ARG A 169 -27.11 4.49 -4.10
C ARG A 169 -26.78 5.15 -2.76
N GLY A 170 -26.21 6.36 -2.82
CA GLY A 170 -25.87 7.14 -1.62
C GLY A 170 -24.81 6.58 -0.67
N ARG A 171 -23.94 5.69 -1.16
CA ARG A 171 -22.86 5.13 -0.34
C ARG A 171 -21.60 5.97 -0.50
N VAL A 172 -20.98 6.33 0.63
CA VAL A 172 -19.72 7.08 0.62
C VAL A 172 -18.59 6.18 0.10
N LYS A 173 -17.71 6.74 -0.73
CA LYS A 173 -16.49 6.07 -1.19
C LYS A 173 -15.28 7.01 -0.99
N ILE A 174 -14.42 6.68 -0.03
CA ILE A 174 -13.19 7.43 0.21
C ILE A 174 -12.18 7.12 -0.91
N ALA A 175 -11.58 8.17 -1.46
CA ALA A 175 -10.70 8.08 -2.62
C ALA A 175 -9.45 8.96 -2.50
N ASP A 176 -8.49 8.70 -3.40
CA ASP A 176 -7.27 9.48 -3.58
C ASP A 176 -6.40 9.61 -2.31
N MET A 177 -6.23 8.48 -1.62
CA MET A 177 -5.28 8.36 -0.51
C MET A 177 -3.88 8.83 -0.93
N GLY A 178 -3.20 9.55 -0.03
CA GLY A 178 -1.80 9.95 -0.24
C GLY A 178 -0.86 8.78 0.00
N PHE A 179 -0.73 7.92 -1.01
CA PHE A 179 -0.04 6.63 -0.86
C PHE A 179 1.48 6.75 -0.71
N ALA A 180 2.10 7.69 -1.42
CA ALA A 180 3.56 7.91 -1.33
C ALA A 180 3.89 9.26 -0.71
N ARG A 181 4.57 9.22 0.43
CA ARG A 181 5.19 10.40 1.05
C ARG A 181 6.57 9.97 1.55
N LEU A 182 7.63 10.63 1.06
CA LEU A 182 9.01 10.25 1.38
C LEU A 182 9.26 10.28 2.90
N PHE A 183 9.66 9.12 3.45
CA PHE A 183 9.87 8.92 4.90
C PHE A 183 8.62 9.23 5.75
N ASN A 184 7.43 9.04 5.16
CA ASN A 184 6.14 9.39 5.79
C ASN A 184 6.10 10.87 6.26
N SER A 185 6.69 11.77 5.47
CA SER A 185 6.97 13.15 5.91
C SER A 185 6.10 14.20 5.21
N PRO A 186 5.47 15.11 6.00
CA PRO A 186 4.84 16.30 5.41
C PRO A 186 5.83 17.36 4.90
N LEU A 187 7.06 17.34 5.41
CA LEU A 187 8.07 18.36 5.12
C LEU A 187 8.70 18.26 3.73
N LYS A 188 8.59 17.10 3.08
CA LYS A 188 9.22 16.86 1.77
C LYS A 188 8.29 17.27 0.64
N THR A 199 -5.44 23.85 0.21
CA THR A 199 -5.28 25.24 0.66
C THR A 199 -5.03 25.40 2.18
N PHE A 200 -4.55 24.32 2.82
CA PHE A 200 -4.31 24.24 4.28
C PHE A 200 -5.54 24.25 5.20
N TRP A 201 -6.76 24.31 4.65
CA TRP A 201 -7.98 24.44 5.49
C TRP A 201 -8.29 23.20 6.34
N TYR A 202 -7.82 22.03 5.88
CA TYR A 202 -8.09 20.74 6.54
C TYR A 202 -6.87 20.18 7.28
N ARG A 203 -5.81 20.99 7.42
CA ARG A 203 -4.57 20.57 8.07
C ARG A 203 -4.58 20.82 9.58
N ALA A 204 -4.30 19.76 10.35
CA ALA A 204 -4.19 19.83 11.81
C ALA A 204 -3.09 20.81 12.26
N PRO A 205 -3.27 21.50 13.41
CA PRO A 205 -2.29 22.51 13.85
C PRO A 205 -0.85 22.00 14.04
N GLU A 206 -0.68 20.74 14.45
CA GLU A 206 0.66 20.15 14.61
C GLU A 206 1.48 20.12 13.31
N LEU A 207 0.80 19.91 12.18
CA LEU A 207 1.43 20.01 10.84
C LEU A 207 1.91 21.41 10.57
N LEU A 208 1.06 22.39 10.87
CA LEU A 208 1.39 23.80 10.71
C LEU A 208 2.50 24.26 11.67
N LEU A 209 2.64 23.60 12.82
CA LEU A 209 3.76 23.86 13.74
C LEU A 209 4.98 22.94 13.51
N GLY A 210 4.98 22.21 12.39
CA GLY A 210 6.16 21.49 11.90
C GLY A 210 6.28 20.01 12.26
N ALA A 211 5.16 19.33 12.48
CA ALA A 211 5.19 17.88 12.74
C ALA A 211 5.88 17.13 11.60
N ARG A 212 6.74 16.18 11.96
CA ARG A 212 7.66 15.53 11.01
C ARG A 212 7.06 14.30 10.31
N HIS A 213 6.01 13.72 10.89
CA HIS A 213 5.34 12.56 10.32
C HIS A 213 3.82 12.70 10.33
N TYR A 214 3.17 12.05 9.36
CA TYR A 214 1.72 11.93 9.34
C TYR A 214 1.29 10.90 10.40
N THR A 215 0.13 11.14 11.01
CA THR A 215 -0.44 10.26 12.04
C THR A 215 -1.92 10.00 11.76
N LYS A 216 -2.50 9.06 12.51
CA LYS A 216 -3.95 8.80 12.49
C LYS A 216 -4.71 10.04 12.95
N ALA A 217 -4.22 10.68 14.01
CA ALA A 217 -4.81 11.91 14.56
C ALA A 217 -4.95 13.07 13.57
N ILE A 218 -4.00 13.19 12.63
CA ILE A 218 -4.06 14.20 11.55
C ILE A 218 -5.25 13.95 10.62
N ASP A 219 -5.50 12.69 10.25
CA ASP A 219 -6.71 12.32 9.49
C ASP A 219 -8.00 12.67 10.24
N ILE A 220 -8.02 12.43 11.57
CA ILE A 220 -9.21 12.66 12.38
C ILE A 220 -9.58 14.15 12.47
N TRP A 221 -8.58 15.02 12.61
CA TRP A 221 -8.78 16.48 12.53
C TRP A 221 -9.50 16.89 11.24
N ALA A 222 -9.04 16.33 10.12
CA ALA A 222 -9.63 16.61 8.79
C ALA A 222 -11.10 16.19 8.72
N ILE A 223 -11.44 15.06 9.34
CA ILE A 223 -12.84 14.60 9.44
C ILE A 223 -13.69 15.57 10.29
N GLY A 224 -13.11 16.10 11.37
CA GLY A 224 -13.75 17.16 12.14
C GLY A 224 -14.06 18.41 11.31
N CYS A 225 -13.09 18.84 10.48
CA CYS A 225 -13.28 19.99 9.57
C CYS A 225 -14.40 19.74 8.55
N ILE A 226 -14.41 18.55 7.98
CA ILE A 226 -15.44 18.14 7.02
C ILE A 226 -16.83 18.14 7.69
N PHE A 227 -16.89 17.73 8.95
CA PHE A 227 -18.14 17.64 9.71
C PHE A 227 -18.70 19.02 10.02
N ALA A 228 -17.85 19.95 10.45
CA ALA A 228 -18.23 21.35 10.64
C ALA A 228 -18.81 21.97 9.37
N GLU A 229 -18.12 21.76 8.25
CA GLU A 229 -18.55 22.26 6.94
C GLU A 229 -19.86 21.64 6.44
N LEU A 230 -20.11 20.36 6.76
CA LEU A 230 -21.40 19.73 6.46
C LEU A 230 -22.57 20.34 7.24
N LEU A 231 -22.32 20.72 8.50
CA LEU A 231 -23.32 21.37 9.36
C LEU A 231 -23.62 22.86 9.02
N THR A 232 -22.60 23.60 8.58
CA THR A 232 -22.71 25.05 8.29
C THR A 232 -22.73 25.42 6.79
N SER A 233 -22.23 24.52 5.93
CA SER A 233 -21.98 24.75 4.48
C SER A 233 -20.77 25.65 4.18
N GLU A 234 -19.97 25.96 5.20
CA GLU A 234 -18.81 26.83 5.08
C GLU A 234 -17.57 26.12 5.64
N PRO A 235 -16.39 26.29 4.99
CA PRO A 235 -15.19 25.69 5.57
C PRO A 235 -14.80 26.39 6.87
N ILE A 236 -14.83 25.64 7.98
CA ILE A 236 -14.65 26.20 9.35
C ILE A 236 -13.34 26.98 9.50
N PHE A 237 -12.27 26.52 8.87
CA PHE A 237 -10.96 27.20 8.89
C PHE A 237 -10.59 27.78 7.52
N HIS A 238 -11.57 28.41 6.85
CA HIS A 238 -11.34 29.09 5.56
C HIS A 238 -10.34 30.23 5.70
N CYS A 239 -9.44 30.33 4.72
CA CYS A 239 -8.31 31.27 4.79
C CYS A 239 -7.81 31.60 3.38
N ARG A 240 -7.20 32.78 3.22
CA ARG A 240 -6.59 33.21 1.96
C ARG A 240 -5.37 32.35 1.60
N GLN A 241 -5.10 32.26 0.29
CA GLN A 241 -3.97 31.47 -0.22
C GLN A 241 -2.63 32.17 0.05
N GLU A 242 -1.59 31.35 0.27
CA GLU A 242 -0.22 31.83 0.56
C GLU A 242 -0.14 32.69 1.82
N SER A 247 6.64 26.34 0.82
CA SER A 247 7.50 25.17 1.00
C SER A 247 7.62 24.72 2.45
N ASN A 248 7.87 25.69 3.35
CA ASN A 248 7.96 25.43 4.79
C ASN A 248 6.58 25.08 5.39
N PRO A 249 6.56 24.32 6.50
CA PRO A 249 5.27 23.92 7.10
C PRO A 249 4.51 25.06 7.79
N TYR A 250 5.24 26.04 8.34
CA TYR A 250 4.63 27.15 9.08
C TYR A 250 3.87 28.11 8.17
N HIS A 251 2.58 28.28 8.45
CA HIS A 251 1.71 29.19 7.70
C HIS A 251 0.93 30.05 8.70
N HIS A 252 1.25 31.34 8.74
CA HIS A 252 0.78 32.25 9.79
C HIS A 252 -0.73 32.48 9.79
N ASP A 253 -1.27 32.86 8.64
CA ASP A 253 -2.69 33.22 8.51
C ASP A 253 -3.64 32.03 8.76
N GLN A 254 -3.23 30.82 8.37
CA GLN A 254 -4.00 29.60 8.65
C GLN A 254 -4.11 29.33 10.16
N LEU A 255 -3.01 29.51 10.88
CA LEU A 255 -3.00 29.40 12.34
C LEU A 255 -3.87 30.46 13.01
N ASP A 256 -3.75 31.71 12.55
CA ASP A 256 -4.61 32.82 13.00
C ASP A 256 -6.12 32.51 12.86
N ARG A 257 -6.51 31.95 11.72
CA ARG A 257 -7.89 31.51 11.50
C ARG A 257 -8.31 30.41 12.48
N ILE A 258 -7.41 29.46 12.74
CA ILE A 258 -7.68 28.39 13.70
C ILE A 258 -7.95 28.96 15.09
N PHE A 259 -7.10 29.88 15.55
CA PHE A 259 -7.27 30.52 16.86
C PHE A 259 -8.48 31.46 16.92
N ASN A 260 -8.79 32.14 15.81
CA ASN A 260 -10.01 32.96 15.72
C ASN A 260 -11.30 32.16 15.92
N VAL A 261 -11.30 30.90 15.49
CA VAL A 261 -12.42 29.99 15.69
C VAL A 261 -12.32 29.25 17.04
N MET A 262 -11.17 28.63 17.30
CA MET A 262 -11.01 27.72 18.45
C MET A 262 -10.66 28.40 19.77
N GLY A 263 -10.04 29.57 19.70
CA GLY A 263 -9.34 30.18 20.84
C GLY A 263 -7.87 29.76 20.81
N PHE A 264 -7.04 30.44 21.59
CA PHE A 264 -5.62 30.10 21.72
C PHE A 264 -5.47 29.08 22.86
N PRO A 265 -4.72 27.98 22.63
CA PRO A 265 -4.67 26.91 23.62
C PRO A 265 -3.85 27.26 24.86
N ALA A 266 -4.41 26.99 26.03
CA ALA A 266 -3.68 27.10 27.30
C ALA A 266 -2.64 25.99 27.40
N ASP A 267 -1.66 26.19 28.27
CA ASP A 267 -0.58 25.20 28.49
C ASP A 267 -1.14 23.82 28.84
N LYS A 268 -2.19 23.78 29.64
CA LYS A 268 -2.85 22.52 30.06
C LYS A 268 -3.58 21.79 28.92
N ASP A 269 -4.05 22.53 27.92
CA ASP A 269 -4.75 21.94 26.77
C ASP A 269 -3.82 21.18 25.81
N TRP A 270 -2.57 21.60 25.72
CA TRP A 270 -1.59 21.01 24.80
C TRP A 270 -0.19 21.16 25.40
N GLU A 271 0.11 20.33 26.39
CA GLU A 271 1.38 20.39 27.13
C GLU A 271 2.63 20.23 26.24
N ASP A 272 2.57 19.33 25.27
CA ASP A 272 3.71 19.09 24.35
C ASP A 272 3.82 20.07 23.17
N ILE A 273 3.04 21.15 23.15
CA ILE A 273 3.18 22.19 22.12
C ILE A 273 4.59 22.80 22.09
N LYS A 274 5.24 22.88 23.26
CA LYS A 274 6.63 23.32 23.38
C LYS A 274 7.64 22.48 22.60
N LYS A 275 7.34 21.19 22.41
CA LYS A 275 8.20 20.28 21.65
C LYS A 275 8.09 20.42 20.12
N MET A 276 7.10 21.14 19.62
CA MET A 276 6.92 21.32 18.17
C MET A 276 8.03 22.24 17.63
N PRO A 277 8.63 21.90 16.46
CA PRO A 277 9.74 22.70 15.92
C PRO A 277 9.50 24.20 15.73
N GLU A 278 8.25 24.59 15.43
CA GLU A 278 7.87 25.99 15.20
C GLU A 278 7.24 26.70 16.41
N HIS A 279 7.41 26.15 17.61
CA HIS A 279 6.79 26.74 18.82
C HIS A 279 7.28 28.15 19.13
N SER A 280 8.59 28.37 19.04
CA SER A 280 9.17 29.70 19.29
C SER A 280 8.71 30.76 18.28
N THR A 281 8.53 30.35 17.03
CA THR A 281 7.93 31.20 16.00
C THR A 281 6.49 31.59 16.36
N LEU A 282 5.72 30.61 16.83
CA LEU A 282 4.34 30.85 17.30
C LEU A 282 4.32 31.91 18.40
N MET A 283 5.18 31.72 19.41
CA MET A 283 5.31 32.67 20.53
C MET A 283 5.72 34.06 20.03
N LYS A 284 6.67 34.11 19.10
CA LYS A 284 7.11 35.38 18.49
C LYS A 284 5.98 36.12 17.78
N ASP A 285 5.14 35.40 17.03
CA ASP A 285 4.07 36.00 16.21
C ASP A 285 2.71 36.19 16.89
N PHE A 286 2.41 35.39 17.91
CA PHE A 286 1.05 35.35 18.49
C PHE A 286 1.01 35.66 19.98
N ARG A 287 -0.10 36.25 20.41
CA ARG A 287 -0.36 36.55 21.81
C ARG A 287 -1.74 36.03 22.21
N ARG A 288 -1.81 35.38 23.38
CA ARG A 288 -3.04 34.82 23.95
C ARG A 288 -4.22 35.80 23.99
N ASN A 289 -3.94 37.03 24.45
CA ASN A 289 -4.94 38.11 24.57
C ASN A 289 -5.77 38.38 23.29
N THR A 290 -5.14 38.23 22.13
CA THR A 290 -5.82 38.46 20.83
C THR A 290 -7.07 37.60 20.61
N TYR A 291 -7.10 36.40 21.19
CA TYR A 291 -8.19 35.42 20.96
C TYR A 291 -9.01 35.13 22.22
N THR A 292 -9.04 36.09 23.15
CA THR A 292 -9.62 35.88 24.49
C THR A 292 -11.16 35.70 24.54
N ASN A 293 -11.87 36.12 23.48
CA ASN A 293 -13.32 35.89 23.35
C ASN A 293 -13.68 34.91 22.20
N CYS A 294 -12.71 34.12 21.76
CA CYS A 294 -12.88 33.17 20.67
C CYS A 294 -13.03 31.75 21.23
N SER A 295 -14.02 31.01 20.73
CA SER A 295 -14.19 29.59 21.07
C SER A 295 -15.09 28.87 20.05
N LEU A 296 -14.97 27.55 19.96
CA LEU A 296 -15.78 26.73 19.04
C LEU A 296 -17.27 26.84 19.34
N ILE A 297 -17.62 26.93 20.63
CA ILE A 297 -19.00 27.18 21.07
C ILE A 297 -19.60 28.42 20.42
N LYS A 298 -18.91 29.55 20.56
CA LYS A 298 -19.36 30.83 20.01
C LYS A 298 -19.44 30.80 18.48
N TYR A 299 -18.45 30.18 17.82
CA TYR A 299 -18.46 30.06 16.37
C TYR A 299 -19.69 29.26 15.88
N MET A 300 -19.90 28.08 16.44
CA MET A 300 -21.00 27.20 16.00
C MET A 300 -22.40 27.73 16.35
N GLU A 301 -22.52 28.54 17.42
CA GLU A 301 -23.77 29.26 17.72
C GLU A 301 -24.16 30.23 16.59
N LYS A 302 -23.19 31.01 16.13
CA LYS A 302 -23.38 31.96 15.01
C LYS A 302 -23.85 31.30 13.71
N HIS A 303 -23.51 30.02 13.52
CA HIS A 303 -23.96 29.22 12.37
C HIS A 303 -25.10 28.24 12.73
N LYS A 304 -25.89 28.58 13.75
CA LYS A 304 -27.14 27.91 14.08
C LYS A 304 -27.04 26.44 14.57
N VAL A 305 -25.88 26.07 15.09
CA VAL A 305 -25.67 24.76 15.74
C VAL A 305 -25.65 24.96 17.25
N LYS A 306 -26.43 24.17 17.97
CA LYS A 306 -26.58 24.32 19.43
C LYS A 306 -25.42 23.66 20.18
N PRO A 307 -24.84 24.34 21.19
CA PRO A 307 -23.70 23.77 21.94
C PRO A 307 -24.04 22.59 22.88
N ASP A 308 -25.32 22.44 23.25
CA ASP A 308 -25.77 21.28 24.05
C ASP A 308 -26.28 20.10 23.19
N SER A 309 -26.06 20.15 21.88
CA SER A 309 -26.42 19.05 20.98
C SER A 309 -25.31 18.00 20.99
N LYS A 310 -25.70 16.74 20.77
CA LYS A 310 -24.74 15.63 20.68
C LYS A 310 -23.84 15.76 19.45
N ALA A 311 -24.38 16.35 18.38
CA ALA A 311 -23.58 16.69 17.19
C ALA A 311 -22.40 17.59 17.54
N PHE A 312 -22.63 18.58 18.42
CA PHE A 312 -21.57 19.55 18.79
C PHE A 312 -20.49 18.95 19.69
N HIS A 313 -20.89 18.21 20.72
CA HIS A 313 -19.94 17.59 21.66
C HIS A 313 -19.00 16.59 20.95
N LEU A 314 -19.51 15.87 19.94
CA LEU A 314 -18.69 15.01 19.09
C LEU A 314 -17.73 15.84 18.21
N LEU A 315 -18.24 16.91 17.60
CA LEU A 315 -17.41 17.80 16.77
C LEU A 315 -16.21 18.33 17.57
N GLN A 316 -16.45 18.75 18.81
CA GLN A 316 -15.41 19.28 19.68
C GLN A 316 -14.32 18.25 20.01
N LYS A 317 -14.73 16.99 20.18
CA LYS A 317 -13.78 15.90 20.43
C LYS A 317 -12.92 15.59 19.19
N LEU A 318 -13.53 15.66 18.00
CA LEU A 318 -12.80 15.52 16.73
C LEU A 318 -11.82 16.69 16.51
N LEU A 319 -12.30 17.91 16.69
CA LEU A 319 -11.47 19.13 16.63
C LEU A 319 -10.82 19.48 17.98
N THR A 320 -9.99 18.56 18.48
CA THR A 320 -9.17 18.79 19.67
C THR A 320 -7.79 19.21 19.19
N MET A 321 -7.25 20.28 19.79
CA MET A 321 -6.00 20.89 19.32
C MET A 321 -4.81 19.96 19.52
N ASP A 322 -4.66 19.44 20.73
CA ASP A 322 -3.59 18.50 21.06
C ASP A 322 -3.91 17.13 20.43
N PRO A 323 -3.05 16.63 19.52
CA PRO A 323 -3.36 15.35 18.83
C PRO A 323 -3.54 14.12 19.72
N ILE A 324 -2.80 14.00 20.83
CA ILE A 324 -2.98 12.87 21.76
C ILE A 324 -4.32 12.91 22.54
N LYS A 325 -4.94 14.09 22.62
CA LYS A 325 -6.27 14.23 23.23
C LYS A 325 -7.43 14.16 22.23
N ARG A 326 -7.11 13.87 20.97
CA ARG A 326 -8.10 13.75 19.91
C ARG A 326 -8.70 12.34 19.92
N ILE A 327 -10.00 12.27 19.69
CA ILE A 327 -10.76 11.01 19.67
C ILE A 327 -10.34 10.17 18.46
N THR A 328 -10.35 8.84 18.60
CA THR A 328 -10.07 7.94 17.48
C THR A 328 -11.35 7.71 16.67
N SER A 329 -11.19 7.21 15.46
CA SER A 329 -12.32 6.90 14.57
C SER A 329 -13.28 5.86 15.16
N GLU A 330 -12.73 4.83 15.81
CA GLU A 330 -13.57 3.81 16.47
C GLU A 330 -14.41 4.39 17.64
N GLN A 331 -13.81 5.26 18.45
CA GLN A 331 -14.51 5.91 19.56
C GLN A 331 -15.59 6.91 19.07
N ALA A 332 -15.31 7.60 17.98
CA ALA A 332 -16.29 8.47 17.32
C ALA A 332 -17.47 7.65 16.77
N MET A 333 -17.19 6.45 16.26
CA MET A 333 -18.27 5.56 15.77
C MET A 333 -19.20 5.05 16.89
N GLN A 334 -18.68 4.95 18.12
CA GLN A 334 -19.47 4.56 19.30
C GLN A 334 -20.23 5.73 19.94
N ASP A 335 -20.05 6.94 19.42
CA ASP A 335 -20.64 8.13 20.04
C ASP A 335 -22.17 8.04 20.09
N PRO A 336 -22.79 8.49 21.21
CA PRO A 336 -24.25 8.42 21.31
C PRO A 336 -25.04 9.22 20.25
N TYR A 337 -24.38 10.21 19.62
CA TYR A 337 -24.89 10.91 18.42
C TYR A 337 -25.49 9.95 17.38
N PHE A 338 -24.83 8.83 17.14
CA PHE A 338 -25.26 7.85 16.14
C PHE A 338 -26.37 6.91 16.63
N LEU A 339 -26.67 6.95 17.94
CA LEU A 339 -27.84 6.29 18.54
C LEU A 339 -29.06 7.21 18.68
N GLU A 340 -28.83 8.53 18.65
CA GLU A 340 -29.90 9.53 18.69
C GLU A 340 -30.67 9.55 17.38
N ASP A 341 -31.99 9.79 17.46
CA ASP A 341 -32.84 9.91 16.28
C ASP A 341 -32.43 11.17 15.47
N PRO A 342 -32.30 11.04 14.12
CA PRO A 342 -32.48 9.88 13.25
C PRO A 342 -31.21 9.03 13.16
N LEU A 343 -31.40 7.73 12.96
CA LEU A 343 -30.27 6.81 12.80
C LEU A 343 -29.63 6.96 11.41
N PRO A 344 -28.30 6.70 11.30
CA PRO A 344 -27.65 6.74 9.99
C PRO A 344 -28.15 5.63 9.06
N THR A 345 -28.15 5.92 7.75
CA THR A 345 -28.67 4.99 6.73
C THR A 345 -27.58 4.65 5.71
N SER A 346 -27.66 3.43 5.16
CA SER A 346 -26.75 2.95 4.10
C SER A 346 -26.72 3.85 2.87
N ASP A 347 -27.90 4.33 2.48
CA ASP A 347 -28.07 5.36 1.46
C ASP A 347 -28.18 6.69 2.21
N VAL A 348 -27.17 7.55 2.04
CA VAL A 348 -27.17 8.86 2.71
C VAL A 348 -28.31 9.77 2.25
N PHE A 349 -28.80 9.56 1.02
CA PHE A 349 -29.96 10.27 0.48
C PHE A 349 -31.30 9.71 1.02
N ALA A 350 -31.25 8.52 1.61
CA ALA A 350 -32.37 7.94 2.39
C ALA A 350 -33.63 7.70 1.56
N GLY A 351 -33.46 7.19 0.34
CA GLY A 351 -34.58 6.93 -0.58
C GLY A 351 -35.14 8.13 -1.33
N CYS A 352 -34.77 9.35 -0.93
CA CYS A 352 -35.26 10.57 -1.57
C CYS A 352 -34.53 10.81 -2.89
N GLN A 353 -35.15 11.57 -3.78
CA GLN A 353 -34.56 11.88 -5.08
C GLN A 353 -33.30 12.75 -4.92
N ILE A 354 -32.34 12.56 -5.81
CA ILE A 354 -31.06 13.27 -5.79
C ILE A 354 -31.18 14.58 -6.59
N PRO A 355 -31.18 15.74 -5.91
CA PRO A 355 -31.27 17.02 -6.62
C PRO A 355 -29.95 17.53 -7.22
N TYR A 356 -28.83 16.90 -6.85
CA TYR A 356 -27.49 17.40 -7.19
C TYR A 356 -27.18 17.10 -8.66
N PRO A 357 -26.66 18.09 -9.42
CA PRO A 357 -26.33 17.84 -10.83
C PRO A 357 -25.27 16.75 -11.05
N LYS A 358 -25.35 16.09 -12.20
CA LYS A 358 -24.33 15.15 -12.62
C LYS A 358 -23.09 15.94 -13.06
N ARG A 359 -21.91 15.38 -12.85
CA ARG A 359 -20.65 16.09 -13.15
C ARG A 359 -20.42 16.19 -14.66
N GLU A 360 -19.94 17.37 -15.10
CA GLU A 360 -19.80 17.68 -16.53
C GLU A 360 -18.43 17.27 -17.08
N PHE A 361 -18.40 17.04 -18.39
CA PHE A 361 -17.18 16.64 -19.11
C PHE A 361 -16.28 17.83 -19.37
N LEU A 362 -15.03 17.54 -19.74
CA LEU A 362 -14.01 18.56 -20.03
C LEU A 362 -13.47 18.38 -21.46
N LYS B 1 3.98 -1.01 8.66
CA LYS B 1 3.04 -2.09 9.12
C LYS B 1 1.78 -2.23 8.24
N ALA B 2 1.79 -1.63 7.06
CA ALA B 2 0.61 -1.62 6.16
C ALA B 2 0.09 -3.02 5.86
N MET B 3 -1.18 -3.25 6.19
CA MET B 3 -1.89 -4.53 5.98
C MET B 3 -1.43 -5.69 6.89
N ALA B 4 -0.75 -5.37 8.00
CA ALA B 4 -0.08 -6.39 8.84
C ALA B 4 -0.97 -7.51 9.40
N GLY B 5 -2.20 -7.18 9.76
CA GLY B 5 -3.16 -8.17 10.30
C GLY B 5 -4.18 -8.73 9.31
N ASN B 6 -3.93 -8.56 8.01
CA ASN B 6 -4.91 -8.88 6.96
C ASN B 6 -4.57 -10.13 6.13
N PHE B 7 -3.63 -10.98 6.59
CA PHE B 7 -3.17 -12.13 5.79
C PHE B 7 -4.29 -13.02 5.24
N TRP B 8 -5.28 -13.33 6.07
CA TRP B 8 -6.35 -14.28 5.68
C TRP B 8 -7.30 -13.79 4.56
N GLN B 9 -7.36 -12.48 4.34
N GLN B 9 -7.35 -12.48 4.34
CA GLN B 9 -8.06 -11.90 3.17
CA GLN B 9 -8.05 -11.87 3.21
C GLN B 9 -7.09 -11.21 2.20
C GLN B 9 -7.09 -11.21 2.20
N SER B 10 -5.80 -11.57 2.27
CA SER B 10 -4.76 -10.97 1.41
C SER B 10 -4.66 -11.67 0.07
N SER B 11 -4.09 -11.00 -0.93
CA SER B 11 -3.78 -11.62 -2.22
C SER B 11 -2.65 -12.67 -2.11
N HIS B 12 -1.77 -12.53 -1.12
CA HIS B 12 -0.74 -13.54 -0.81
C HIS B 12 -1.43 -14.89 -0.57
N TYR B 13 -2.35 -14.92 0.39
CA TYR B 13 -3.05 -16.15 0.79
C TYR B 13 -4.00 -16.65 -0.31
N LEU B 14 -4.83 -15.76 -0.82
CA LEU B 14 -5.92 -16.14 -1.75
C LEU B 14 -5.47 -16.53 -3.16
N GLN B 15 -4.33 -16.00 -3.61
CA GLN B 15 -3.81 -16.30 -4.97
C GLN B 15 -2.43 -16.96 -5.02
N TRP B 16 -1.52 -16.58 -4.13
CA TRP B 16 -0.10 -16.94 -4.23
C TRP B 16 0.40 -17.95 -3.17
N ILE B 17 -0.52 -18.64 -2.50
CA ILE B 17 -0.21 -19.89 -1.81
C ILE B 17 -0.63 -21.02 -2.74
N LEU B 18 0.37 -21.65 -3.37
CA LEU B 18 0.15 -22.56 -4.49
C LEU B 18 0.03 -24.02 -4.06
N ASP B 19 -0.51 -24.82 -4.97
CA ASP B 19 -0.56 -26.27 -4.85
C ASP B 19 0.78 -26.85 -5.33
N LYS B 20 1.35 -27.76 -4.55
CA LYS B 20 2.66 -28.35 -4.84
C LYS B 20 2.71 -29.13 -6.16
N GLN B 21 1.61 -29.80 -6.50
CA GLN B 21 1.54 -30.58 -7.74
C GLN B 21 1.41 -29.70 -8.98
N ASP B 22 0.68 -28.59 -8.87
CA ASP B 22 0.61 -27.58 -9.92
C ASP B 22 1.97 -26.92 -10.17
N LEU B 23 2.71 -26.65 -9.08
CA LEU B 23 4.07 -26.13 -9.16
C LEU B 23 5.00 -27.12 -9.89
N LEU B 24 4.97 -28.38 -9.45
CA LEU B 24 5.76 -29.46 -10.09
C LEU B 24 5.35 -29.71 -11.55
N LYS B 25 4.05 -29.65 -11.84
CA LYS B 25 3.53 -29.84 -13.21
C LYS B 25 4.06 -28.78 -14.19
N GLU B 26 4.05 -27.51 -13.77
CA GLU B 26 4.62 -26.42 -14.59
C GLU B 26 6.14 -26.47 -14.70
N ARG B 27 6.81 -27.10 -13.73
CA ARG B 27 8.26 -27.25 -13.72
C ARG B 27 8.79 -28.26 -14.74
N GLN B 28 7.93 -29.19 -15.19
CA GLN B 28 8.33 -30.25 -16.13
C GLN B 28 8.92 -29.74 -17.47
N LYS B 29 8.49 -28.55 -17.92
CA LYS B 29 9.00 -27.98 -19.18
C LYS B 29 10.50 -27.61 -19.10
N ASP B 30 10.93 -27.04 -17.98
CA ASP B 30 12.37 -26.80 -17.74
C ASP B 30 13.13 -28.08 -17.35
N LEU B 31 12.44 -29.07 -16.79
CA LEU B 31 13.07 -30.35 -16.42
C LEU B 31 13.42 -31.26 -17.62
N LYS B 32 13.01 -30.87 -18.82
CA LYS B 32 13.51 -31.49 -20.06
C LYS B 32 14.97 -31.13 -20.36
N PHE B 33 15.43 -29.99 -19.81
CA PHE B 33 16.80 -29.50 -20.01
C PHE B 33 17.70 -29.74 -18.79
N LEU B 34 17.14 -29.64 -17.59
CA LEU B 34 17.86 -29.74 -16.33
C LEU B 34 17.27 -30.88 -15.49
N SER B 35 18.09 -31.50 -14.66
CA SER B 35 17.57 -32.45 -13.66
C SER B 35 16.93 -31.67 -12.49
N GLU B 36 16.23 -32.39 -11.63
CA GLU B 36 15.58 -31.80 -10.44
C GLU B 36 16.60 -31.18 -9.48
N GLU B 37 17.74 -31.86 -9.31
CA GLU B 37 18.85 -31.36 -8.49
C GLU B 37 19.42 -30.06 -9.06
N GLU B 38 19.68 -30.05 -10.37
CA GLU B 38 20.20 -28.86 -11.06
C GLU B 38 19.26 -27.65 -11.00
N TYR B 39 17.95 -27.89 -11.02
CA TYR B 39 16.95 -26.82 -10.90
C TYR B 39 16.91 -26.23 -9.48
N TRP B 40 17.01 -27.09 -8.46
CA TRP B 40 17.10 -26.64 -7.07
C TRP B 40 18.39 -25.83 -6.82
N LYS B 41 19.50 -26.29 -7.42
CA LYS B 41 20.77 -25.56 -7.34
C LYS B 41 20.72 -24.17 -7.99
N LEU B 42 20.00 -24.05 -9.11
CA LEU B 42 19.73 -22.75 -9.74
C LEU B 42 18.92 -21.80 -8.85
N GLN B 43 17.89 -22.33 -8.19
CA GLN B 43 17.08 -21.56 -7.22
C GLN B 43 17.94 -21.00 -6.07
N ILE B 44 18.85 -21.83 -5.57
CA ILE B 44 19.79 -21.41 -4.51
C ILE B 44 20.71 -20.29 -5.01
N PHE B 45 21.26 -20.48 -6.20
CA PHE B 45 22.16 -19.52 -6.81
C PHE B 45 21.54 -18.13 -6.96
N PHE B 46 20.31 -18.05 -7.48
CA PHE B 46 19.66 -16.75 -7.74
C PHE B 46 19.11 -16.08 -6.49
N THR B 47 18.76 -16.88 -5.47
CA THR B 47 18.49 -16.37 -4.12
C THR B 47 19.72 -15.64 -3.55
N ASN B 48 20.90 -16.26 -3.68
CA ASN B 48 22.17 -15.65 -3.25
C ASN B 48 22.50 -14.38 -4.02
N VAL B 49 22.21 -14.38 -5.32
CA VAL B 49 22.43 -13.20 -6.17
C VAL B 49 21.58 -12.01 -5.73
N ILE B 50 20.29 -12.26 -5.51
CA ILE B 50 19.37 -11.24 -5.00
C ILE B 50 19.76 -10.73 -3.60
N GLN B 51 20.19 -11.65 -2.72
CA GLN B 51 20.70 -11.28 -1.38
C GLN B 51 21.89 -10.32 -1.49
N ALA B 52 22.87 -10.68 -2.33
CA ALA B 52 24.05 -9.85 -2.57
C ALA B 52 23.71 -8.48 -3.13
N LEU B 53 22.72 -8.42 -4.03
CA LEU B 53 22.26 -7.15 -4.63
C LEU B 53 21.63 -6.23 -3.60
N GLY B 54 20.76 -6.79 -2.76
CA GLY B 54 20.13 -6.04 -1.67
C GLY B 54 21.11 -5.53 -0.62
N GLU B 55 22.11 -6.34 -0.30
CA GLU B 55 23.16 -5.97 0.64
C GLU B 55 24.02 -4.84 0.10
N HIS B 56 24.35 -4.91 -1.19
CA HIS B 56 25.09 -3.83 -1.87
C HIS B 56 24.34 -2.49 -1.80
N LEU B 57 23.02 -2.54 -2.02
CA LEU B 57 22.17 -1.34 -2.00
C LEU B 57 21.70 -0.92 -0.59
N LYS B 58 22.07 -1.70 0.43
CA LYS B 58 21.77 -1.41 1.84
C LYS B 58 20.27 -1.42 2.16
N LEU B 59 19.58 -2.41 1.60
CA LEU B 59 18.13 -2.58 1.81
C LEU B 59 17.89 -3.53 2.98
N ARG B 60 16.82 -3.30 3.72
CA ARG B 60 16.47 -4.15 4.87
C ARG B 60 16.02 -5.54 4.40
N GLN B 61 16.17 -6.53 5.26
CA GLN B 61 16.00 -7.95 4.89
C GLN B 61 14.62 -8.25 4.29
N GLN B 62 13.59 -7.59 4.83
CA GLN B 62 12.22 -7.75 4.36
C GLN B 62 12.04 -7.35 2.88
N VAL B 63 12.73 -6.30 2.44
CA VAL B 63 12.69 -5.84 1.05
C VAL B 63 13.38 -6.85 0.13
N ILE B 64 14.52 -7.37 0.58
CA ILE B 64 15.26 -8.42 -0.13
C ILE B 64 14.37 -9.67 -0.25
N ALA B 65 13.72 -10.03 0.86
CA ALA B 65 12.80 -11.17 0.90
C ALA B 65 11.63 -11.03 -0.08
N THR B 66 11.04 -9.84 -0.15
CA THR B 66 9.95 -9.55 -1.10
C THR B 66 10.41 -9.70 -2.56
N ALA B 67 11.60 -9.18 -2.88
CA ALA B 67 12.19 -9.33 -4.22
C ALA B 67 12.43 -10.81 -4.60
N THR B 68 12.83 -11.62 -3.61
CA THR B 68 13.02 -13.07 -3.81
C THR B 68 11.71 -13.81 -4.12
N VAL B 69 10.62 -13.43 -3.43
CA VAL B 69 9.29 -14.00 -3.70
C VAL B 69 8.79 -13.67 -5.11
N TYR B 70 9.00 -12.42 -5.54
CA TYR B 70 8.63 -11.98 -6.90
C TYR B 70 9.29 -12.86 -7.97
N PHE B 71 10.59 -13.09 -7.79
CA PHE B 71 11.40 -13.96 -8.67
C PHE B 71 10.82 -15.37 -8.71
N LYS B 72 10.57 -15.95 -7.54
CA LYS B 72 10.00 -17.30 -7.42
C LYS B 72 8.60 -17.45 -8.07
N ARG B 73 7.75 -16.45 -7.87
CA ARG B 73 6.42 -16.42 -8.49
C ARG B 73 6.49 -16.44 -10.01
N PHE B 74 7.39 -15.63 -10.57
CA PHE B 74 7.55 -15.54 -12.03
C PHE B 74 7.93 -16.89 -12.64
N TYR B 75 8.97 -17.51 -12.09
CA TYR B 75 9.46 -18.79 -12.61
C TYR B 75 8.69 -20.00 -12.09
N ALA B 76 7.76 -19.80 -11.16
CA ALA B 76 6.77 -20.82 -10.79
C ALA B 76 5.78 -21.04 -11.93
N ARG B 77 5.47 -19.98 -12.67
CA ARG B 77 4.54 -20.02 -13.80
C ARG B 77 5.24 -20.22 -15.14
N TYR B 78 6.37 -19.54 -15.36
CA TYR B 78 7.06 -19.54 -16.66
C TYR B 78 8.44 -20.19 -16.63
N SER B 79 8.90 -20.54 -17.84
CA SER B 79 10.20 -21.17 -18.06
C SER B 79 11.34 -20.17 -17.83
N LEU B 80 12.50 -20.69 -17.45
CA LEU B 80 13.74 -19.90 -17.34
C LEU B 80 14.17 -19.22 -18.66
N LYS B 81 13.76 -19.79 -19.79
CA LYS B 81 14.06 -19.20 -21.12
C LYS B 81 13.22 -17.97 -21.47
N SER B 82 12.10 -17.75 -20.78
CA SER B 82 11.15 -16.67 -21.14
C SER B 82 11.77 -15.29 -20.96
N ILE B 83 12.35 -15.04 -19.78
CA ILE B 83 13.16 -13.85 -19.52
C ILE B 83 14.43 -14.27 -18.78
N ASP B 84 15.55 -13.64 -19.13
CA ASP B 84 16.86 -13.96 -18.54
C ASP B 84 16.84 -13.70 -17.01
N PRO B 85 17.06 -14.75 -16.19
CA PRO B 85 17.06 -14.51 -14.72
C PRO B 85 18.12 -13.52 -14.23
N VAL B 86 19.22 -13.37 -14.97
CA VAL B 86 20.23 -12.34 -14.74
C VAL B 86 19.62 -10.95 -14.85
N LEU B 87 18.71 -10.75 -15.81
CA LEU B 87 17.95 -9.51 -15.92
C LEU B 87 16.82 -9.41 -14.88
N MET B 88 16.15 -10.53 -14.60
CA MET B 88 14.97 -10.55 -13.71
C MET B 88 15.33 -10.27 -12.23
N ALA B 89 16.49 -10.73 -11.78
CA ALA B 89 16.92 -10.56 -10.37
C ALA B 89 17.00 -9.09 -9.92
N PRO B 90 17.74 -8.23 -10.65
CA PRO B 90 17.77 -6.80 -10.31
C PRO B 90 16.44 -6.07 -10.48
N THR B 91 15.65 -6.46 -11.48
CA THR B 91 14.30 -5.91 -11.66
C THR B 91 13.41 -6.18 -10.43
N CYS B 92 13.48 -7.39 -9.88
CA CYS B 92 12.68 -7.75 -8.68
C CYS B 92 13.10 -6.94 -7.46
N VAL B 93 14.41 -6.74 -7.29
CA VAL B 93 14.95 -5.86 -6.21
C VAL B 93 14.50 -4.40 -6.37
N PHE B 94 14.55 -3.90 -7.60
CA PHE B 94 14.13 -2.53 -7.94
C PHE B 94 12.65 -2.30 -7.64
N LEU B 95 11.79 -3.21 -8.11
CA LEU B 95 10.35 -3.13 -7.85
C LEU B 95 10.00 -3.21 -6.36
N ALA B 96 10.60 -4.20 -5.68
CA ALA B 96 10.40 -4.38 -4.23
C ALA B 96 10.79 -3.13 -3.43
N SER B 97 11.89 -2.49 -3.82
CA SER B 97 12.36 -1.26 -3.14
C SER B 97 11.38 -0.08 -3.27
N LYS B 98 10.61 -0.05 -4.35
CA LYS B 98 9.64 1.02 -4.62
C LYS B 98 8.28 0.80 -3.94
N VAL B 99 8.03 -0.39 -3.41
CA VAL B 99 6.88 -0.64 -2.54
C VAL B 99 7.05 0.07 -1.18
N GLU B 100 8.30 0.33 -0.81
CA GLU B 100 8.64 1.15 0.37
C GLU B 100 8.63 2.63 0.03
N GLU B 101 8.52 3.47 1.05
CA GLU B 101 8.64 4.94 0.89
C GLU B 101 9.78 5.59 1.71
N PHE B 102 10.53 4.79 2.47
CA PHE B 102 11.70 5.27 3.21
C PHE B 102 12.98 5.06 2.38
N GLY B 103 13.20 5.96 1.43
CA GLY B 103 14.36 5.92 0.54
C GLY B 103 14.04 5.42 -0.87
N VAL B 104 14.90 5.80 -1.82
CA VAL B 104 14.73 5.47 -3.25
C VAL B 104 16.03 4.92 -3.85
N VAL B 105 15.90 3.91 -4.70
CA VAL B 105 17.01 3.39 -5.51
C VAL B 105 16.96 4.06 -6.89
N SER B 106 17.98 4.85 -7.21
CA SER B 106 18.07 5.52 -8.52
C SER B 106 18.52 4.53 -9.59
N ASN B 107 18.43 4.97 -10.84
CA ASN B 107 18.71 4.12 -12.00
C ASN B 107 20.18 3.77 -12.15
N THR B 108 21.06 4.78 -12.06
CA THR B 108 22.51 4.57 -12.10
C THR B 108 23.01 3.67 -10.96
N ARG B 109 22.47 3.83 -9.76
CA ARG B 109 22.80 2.97 -8.60
C ARG B 109 22.41 1.51 -8.78
N LEU B 110 21.24 1.27 -9.38
CA LEU B 110 20.79 -0.09 -9.69
C LEU B 110 21.74 -0.77 -10.67
N ILE B 111 22.02 -0.08 -11.78
CA ILE B 111 22.90 -0.62 -12.83
C ILE B 111 24.33 -0.81 -12.32
N ALA B 112 24.82 0.16 -11.56
CA ALA B 112 26.13 0.06 -10.91
C ALA B 112 26.19 -1.12 -9.92
N ALA B 113 25.10 -1.34 -9.19
CA ALA B 113 25.01 -2.43 -8.21
C ALA B 113 25.05 -3.79 -8.87
N ALA B 114 24.23 -3.97 -9.92
CA ALA B 114 24.20 -5.21 -10.70
C ALA B 114 25.55 -5.53 -11.37
N THR B 115 26.17 -4.50 -11.96
CA THR B 115 27.49 -4.65 -12.59
C THR B 115 28.56 -5.06 -11.58
N SER B 116 28.62 -4.35 -10.47
CA SER B 116 29.65 -4.55 -9.43
C SER B 116 29.50 -5.89 -8.70
N VAL B 117 28.28 -6.21 -8.25
CA VAL B 117 28.01 -7.45 -7.50
C VAL B 117 28.32 -8.71 -8.33
N LEU B 118 27.95 -8.72 -9.61
CA LEU B 118 28.22 -9.87 -10.47
C LEU B 118 29.71 -10.08 -10.78
N LYS B 119 30.49 -9.01 -10.90
CA LYS B 119 31.93 -9.12 -11.16
C LYS B 119 32.76 -9.40 -9.91
N THR B 120 32.41 -8.80 -8.77
CA THR B 120 33.18 -8.97 -7.52
C THR B 120 32.81 -10.21 -6.69
N ARG B 121 31.57 -10.70 -6.83
CA ARG B 121 31.07 -11.84 -6.04
C ARG B 121 30.61 -13.07 -6.85
N PHE B 122 30.35 -12.93 -8.15
CA PHE B 122 29.85 -14.04 -8.98
C PHE B 122 30.62 -14.27 -10.31
N SER B 123 31.91 -13.89 -10.34
CA SER B 123 32.75 -14.08 -11.53
C SER B 123 33.00 -15.56 -11.91
N TYR B 124 32.85 -16.46 -10.93
CA TYR B 124 32.88 -17.92 -11.20
C TYR B 124 31.75 -18.40 -12.13
N ALA B 125 30.60 -17.71 -12.06
CA ALA B 125 29.43 -18.01 -12.91
C ALA B 125 29.40 -17.17 -14.19
N PHE B 126 29.80 -15.89 -14.09
CA PHE B 126 29.66 -14.93 -15.19
C PHE B 126 31.02 -14.32 -15.59
N PRO B 127 31.64 -14.84 -16.68
CA PRO B 127 32.90 -14.24 -17.16
C PRO B 127 32.77 -12.84 -17.79
N LYS B 128 31.62 -12.54 -18.39
CA LYS B 128 31.36 -11.23 -19.01
C LYS B 128 30.65 -10.28 -18.04
N GLU B 129 30.73 -8.98 -18.34
CA GLU B 129 30.07 -7.95 -17.53
C GLU B 129 28.56 -7.95 -17.75
N PHE B 130 27.83 -7.42 -16.78
CA PHE B 130 26.36 -7.27 -16.85
C PHE B 130 25.96 -6.51 -18.13
N PRO B 131 25.37 -7.21 -19.12
CA PRO B 131 25.18 -6.62 -20.44
C PRO B 131 23.92 -5.77 -20.63
N TYR B 132 23.07 -5.66 -19.60
CA TYR B 132 21.81 -4.93 -19.70
C TYR B 132 21.90 -3.50 -19.16
N ARG B 133 21.06 -2.63 -19.71
CA ARG B 133 20.96 -1.23 -19.32
C ARG B 133 19.57 -0.97 -18.73
N MET B 134 19.31 0.27 -18.34
CA MET B 134 18.10 0.59 -17.58
C MET B 134 16.80 0.35 -18.36
N ASN B 135 16.82 0.61 -19.67
CA ASN B 135 15.64 0.37 -20.52
C ASN B 135 15.18 -1.10 -20.50
N HIS B 136 16.14 -2.02 -20.36
CA HIS B 136 15.82 -3.45 -20.24
C HIS B 136 15.17 -3.79 -18.88
N ILE B 137 15.58 -3.09 -17.83
CA ILE B 137 15.00 -3.23 -16.49
C ILE B 137 13.55 -2.72 -16.48
N LEU B 138 13.32 -1.56 -17.07
CA LEU B 138 11.98 -0.96 -17.15
C LEU B 138 10.98 -1.81 -17.96
N GLU B 139 11.45 -2.45 -19.02
N GLU B 139 11.46 -2.45 -19.02
CA GLU B 139 10.62 -3.35 -19.83
CA GLU B 139 10.64 -3.37 -19.83
C GLU B 139 10.30 -4.65 -19.07
C GLU B 139 10.30 -4.64 -19.06
N CYS B 140 11.32 -5.26 -18.48
CA CYS B 140 11.15 -6.46 -17.63
C CYS B 140 10.20 -6.26 -16.44
N GLU B 141 10.25 -5.06 -15.85
CA GLU B 141 9.36 -4.67 -14.74
C GLU B 141 7.88 -4.72 -15.13
N PHE B 142 7.56 -4.29 -16.35
CA PHE B 142 6.17 -4.35 -16.87
C PHE B 142 5.67 -5.78 -16.98
N TYR B 143 6.50 -6.68 -17.52
CA TYR B 143 6.16 -8.12 -17.59
C TYR B 143 5.99 -8.74 -16.20
N LEU B 144 6.84 -8.35 -15.26
CA LEU B 144 6.81 -8.88 -13.89
C LEU B 144 5.53 -8.49 -13.15
N LEU B 145 5.17 -7.21 -13.22
CA LEU B 145 3.94 -6.71 -12.57
C LEU B 145 2.69 -7.39 -13.16
N GLU B 146 2.65 -7.52 -14.49
CA GLU B 146 1.56 -8.23 -15.19
C GLU B 146 1.43 -9.68 -14.75
N LEU B 147 2.54 -10.43 -14.81
CA LEU B 147 2.55 -11.84 -14.39
C LEU B 147 2.03 -12.02 -12.97
N MET B 148 2.49 -11.16 -12.06
CA MET B 148 2.10 -11.25 -10.65
C MET B 148 0.66 -10.77 -10.38
N ASP B 149 -0.07 -10.36 -11.42
CA ASP B 149 -1.44 -9.83 -11.32
C ASP B 149 -1.49 -8.61 -10.39
N CYS B 150 -0.46 -7.77 -10.51
CA CYS B 150 -0.26 -6.59 -9.66
C CYS B 150 -0.26 -6.82 -8.13
N CYS B 151 0.02 -8.06 -7.70
CA CYS B 151 0.05 -8.43 -6.28
C CYS B 151 1.45 -8.12 -5.72
N LEU B 152 1.56 -7.04 -4.95
CA LEU B 152 2.86 -6.50 -4.50
C LEU B 152 3.16 -6.65 -3.01
N ILE B 153 2.11 -6.65 -2.17
CA ILE B 153 2.27 -6.82 -0.73
C ILE B 153 2.52 -8.30 -0.41
N VAL B 154 3.63 -8.58 0.27
CA VAL B 154 4.04 -9.93 0.64
C VAL B 154 4.31 -10.01 2.14
N TYR B 155 3.83 -11.08 2.76
CA TYR B 155 4.03 -11.37 4.18
C TYR B 155 5.21 -12.32 4.30
N HIS B 156 5.99 -12.18 5.38
CA HIS B 156 7.21 -12.98 5.59
C HIS B 156 7.26 -13.53 7.03
N PRO B 157 8.11 -14.54 7.30
CA PRO B 157 8.12 -15.14 8.65
C PRO B 157 8.76 -14.29 9.77
N TYR B 158 9.39 -13.17 9.42
CA TYR B 158 10.17 -12.37 10.37
C TYR B 158 9.32 -11.75 11.47
N ARG B 159 8.18 -11.18 11.07
CA ARG B 159 7.27 -10.54 12.02
C ARG B 159 6.65 -11.55 13.01
N PRO B 160 6.03 -12.65 12.51
CA PRO B 160 5.56 -13.66 13.46
C PRO B 160 6.67 -14.27 14.35
N LEU B 161 7.83 -14.58 13.76
CA LEU B 161 8.98 -15.12 14.52
C LEU B 161 9.34 -14.22 15.69
N LEU B 162 9.34 -12.91 15.44
CA LEU B 162 9.67 -11.91 16.47
C LEU B 162 8.68 -11.98 17.64
N GLN B 163 7.39 -12.11 17.33
CA GLN B 163 6.34 -12.23 18.34
C GLN B 163 6.45 -13.53 19.16
N TYR B 164 6.79 -14.63 18.50
CA TYR B 164 6.97 -15.92 19.18
C TYR B 164 8.14 -15.94 20.17
N VAL B 165 9.30 -15.43 19.75
CA VAL B 165 10.49 -15.42 20.62
C VAL B 165 10.33 -14.48 21.82
N GLN B 166 9.63 -13.36 21.60
CA GLN B 166 9.25 -12.45 22.69
C GLN B 166 8.29 -13.15 23.67
N ASP B 167 7.33 -13.94 23.14
CA ASP B 167 6.41 -14.75 23.96
C ASP B 167 7.13 -15.82 24.78
N MET B 168 8.12 -16.50 24.20
CA MET B 168 8.97 -17.46 24.93
C MET B 168 9.80 -16.81 26.04
N GLY B 169 10.21 -15.55 25.82
CA GLY B 169 11.19 -14.89 26.66
C GLY B 169 12.60 -15.40 26.38
N GLN B 170 12.89 -15.64 25.10
CA GLN B 170 14.17 -16.21 24.66
C GLN B 170 14.74 -15.46 23.43
N GLU B 171 14.54 -14.14 23.39
CA GLU B 171 14.98 -13.33 22.25
C GLU B 171 16.50 -13.35 22.07
N ASP B 172 17.21 -13.04 23.15
CA ASP B 172 18.68 -13.01 23.14
C ASP B 172 19.34 -14.36 22.77
N MET B 173 18.77 -15.46 23.28
N MET B 173 18.77 -15.45 23.29
CA MET B 173 19.30 -16.80 23.06
CA MET B 173 19.30 -16.80 23.06
C MET B 173 18.96 -17.34 21.67
C MET B 173 18.95 -17.34 21.66
N LEU B 174 17.68 -17.27 21.30
CA LEU B 174 17.14 -17.94 20.10
C LEU B 174 16.99 -17.11 18.81
N LEU B 175 16.80 -15.79 18.91
CA LEU B 175 16.43 -14.97 17.74
C LEU B 175 17.45 -14.92 16.61
N PRO B 176 18.74 -14.69 16.94
CA PRO B 176 19.74 -14.58 15.86
C PRO B 176 19.84 -15.83 14.98
N LEU B 177 19.76 -17.01 15.58
CA LEU B 177 19.78 -18.27 14.83
C LEU B 177 18.47 -18.50 14.08
N ALA B 178 17.33 -18.31 14.76
CA ALA B 178 16.00 -18.46 14.13
C ALA B 178 15.83 -17.55 12.91
N TRP B 179 16.28 -16.30 13.03
CA TRP B 179 16.30 -15.32 11.94
C TRP B 179 17.17 -15.79 10.76
N ARG B 180 18.36 -16.28 11.09
CA ARG B 180 19.27 -16.84 10.08
C ARG B 180 18.64 -18.04 9.34
N ILE B 181 17.96 -18.92 10.08
CA ILE B 181 17.27 -20.09 9.47
C ILE B 181 16.09 -19.66 8.57
N VAL B 182 15.36 -18.62 8.98
CA VAL B 182 14.32 -18.02 8.12
C VAL B 182 14.91 -17.54 6.78
N ASN B 183 16.06 -16.86 6.82
CA ASN B 183 16.77 -16.47 5.59
C ASN B 183 17.03 -17.66 4.68
N ASP B 184 17.48 -18.77 5.28
CA ASP B 184 17.79 -19.99 4.51
C ASP B 184 16.58 -20.66 3.86
N THR B 185 15.38 -20.47 4.42
CA THR B 185 14.16 -21.05 3.83
C THR B 185 13.83 -20.52 2.42
N TYR B 186 14.30 -19.30 2.09
CA TYR B 186 14.14 -18.74 0.74
C TYR B 186 15.00 -19.44 -0.33
N ARG B 187 15.94 -20.29 0.08
CA ARG B 187 16.59 -21.23 -0.84
C ARG B 187 15.68 -22.38 -1.30
N THR B 188 14.47 -22.49 -0.73
CA THR B 188 13.49 -23.54 -1.07
C THR B 188 12.16 -22.94 -1.61
N ASP B 189 11.21 -23.82 -1.92
CA ASP B 189 9.85 -23.43 -2.34
C ASP B 189 8.88 -23.10 -1.21
N LEU B 190 9.32 -23.18 0.04
CA LEU B 190 8.42 -23.09 1.20
C LEU B 190 7.50 -21.86 1.22
N CYS B 191 8.02 -20.70 0.79
CA CYS B 191 7.25 -19.45 0.77
C CYS B 191 6.07 -19.46 -0.21
N LEU B 192 6.10 -20.36 -1.19
CA LEU B 192 4.99 -20.57 -2.13
C LEU B 192 3.92 -21.57 -1.65
N LEU B 193 4.21 -22.32 -0.59
CA LEU B 193 3.41 -23.49 -0.18
C LEU B 193 2.76 -23.40 1.22
N TYR B 194 3.32 -22.59 2.11
CA TYR B 194 2.81 -22.45 3.48
C TYR B 194 2.69 -20.98 3.91
N PRO B 195 1.71 -20.66 4.78
CA PRO B 195 1.65 -19.32 5.40
C PRO B 195 2.89 -19.00 6.24
N PRO B 196 3.32 -17.72 6.29
CA PRO B 196 4.57 -17.33 6.95
C PRO B 196 4.72 -17.71 8.44
N PHE B 197 3.64 -17.67 9.21
CA PHE B 197 3.69 -18.00 10.65
C PHE B 197 4.07 -19.47 10.88
N MET B 198 3.67 -20.37 9.97
CA MET B 198 4.06 -21.79 10.02
C MET B 198 5.54 -22.00 9.73
N ILE B 199 6.07 -21.24 8.77
CA ILE B 199 7.50 -21.27 8.46
C ILE B 199 8.32 -20.76 9.65
N ALA B 200 7.86 -19.69 10.28
CA ALA B 200 8.49 -19.13 11.48
C ALA B 200 8.55 -20.13 12.63
N LEU B 201 7.44 -20.83 12.86
CA LEU B 201 7.38 -21.85 13.94
C LEU B 201 8.33 -23.03 13.68
N ALA B 202 8.45 -23.45 12.42
CA ALA B 202 9.41 -24.49 12.04
C ALA B 202 10.86 -24.06 12.27
N CYS B 203 11.20 -22.85 11.82
CA CYS B 203 12.53 -22.27 12.02
C CYS B 203 12.89 -22.09 13.49
N LEU B 204 11.91 -21.68 14.30
CA LEU B 204 12.09 -21.56 15.76
C LEU B 204 12.25 -22.92 16.44
N HIS B 205 11.58 -23.96 15.93
CA HIS B 205 11.73 -25.32 16.44
C HIS B 205 13.13 -25.89 16.14
N VAL B 206 13.62 -25.71 14.91
CA VAL B 206 14.94 -26.18 14.51
C VAL B 206 16.04 -25.45 15.29
N ALA B 207 15.83 -24.16 15.55
CA ALA B 207 16.71 -23.36 16.39
C ALA B 207 16.80 -23.89 17.83
N CYS B 208 15.65 -24.19 18.42
CA CYS B 208 15.58 -24.80 19.77
C CYS B 208 16.33 -26.14 19.87
N VAL B 209 16.23 -26.97 18.82
CA VAL B 209 16.94 -28.26 18.77
C VAL B 209 18.46 -28.09 18.64
N VAL B 210 18.90 -27.18 17.77
CA VAL B 210 20.33 -26.89 17.60
C VAL B 210 20.95 -26.35 18.90
N GLN B 211 20.21 -25.49 19.61
CA GLN B 211 20.66 -24.91 20.87
C GLN B 211 20.30 -25.73 22.14
N GLN B 212 19.67 -26.89 21.94
CA GLN B 212 19.30 -27.83 23.02
C GLN B 212 18.38 -27.18 24.07
N LYS B 213 17.42 -26.39 23.58
CA LYS B 213 16.44 -25.71 24.43
C LYS B 213 15.16 -26.54 24.46
N ASP B 214 14.66 -26.82 25.66
CA ASP B 214 13.42 -27.56 25.86
C ASP B 214 12.26 -26.58 25.72
N ALA B 215 11.45 -26.76 24.66
CA ALA B 215 10.29 -25.90 24.38
C ALA B 215 9.03 -26.69 24.01
N ARG B 216 8.95 -27.94 24.42
CA ARG B 216 7.86 -28.85 24.04
C ARG B 216 6.50 -28.43 24.61
N GLN B 217 6.51 -27.89 25.84
CA GLN B 217 5.31 -27.34 26.47
C GLN B 217 4.80 -26.11 25.72
N TRP B 218 5.71 -25.18 25.40
CA TRP B 218 5.36 -23.97 24.64
C TRP B 218 4.69 -24.31 23.30
N PHE B 219 5.28 -25.24 22.55
CA PHE B 219 4.72 -25.69 21.26
C PHE B 219 3.37 -26.44 21.41
N ALA B 220 3.17 -27.10 22.56
CA ALA B 220 1.90 -27.77 22.88
C ALA B 220 0.78 -26.77 23.21
N GLU B 221 1.13 -25.68 23.90
CA GLU B 221 0.18 -24.58 24.21
C GLU B 221 -0.40 -23.84 22.99
N LEU B 222 0.21 -24.00 21.82
CA LEU B 222 -0.28 -23.40 20.57
C LEU B 222 -1.43 -24.22 19.97
N SER B 223 -2.27 -23.54 19.18
CA SER B 223 -3.33 -24.18 18.39
C SER B 223 -2.94 -24.13 16.91
N VAL B 224 -2.17 -25.12 16.47
CA VAL B 224 -1.69 -25.21 15.07
C VAL B 224 -1.54 -26.67 14.63
N ASP B 225 -1.73 -26.91 13.32
CA ASP B 225 -1.54 -28.22 12.72
C ASP B 225 -0.05 -28.56 12.72
N MET B 226 0.38 -29.34 13.72
CA MET B 226 1.80 -29.69 13.89
C MET B 226 2.35 -30.61 12.80
N GLU B 227 1.47 -31.32 12.10
CA GLU B 227 1.85 -32.15 10.94
C GLU B 227 2.46 -31.31 9.81
N LYS B 228 1.83 -30.17 9.52
CA LYS B 228 2.34 -29.23 8.52
C LYS B 228 3.64 -28.54 8.96
N ILE B 229 3.80 -28.31 10.27
CA ILE B 229 5.05 -27.81 10.83
C ILE B 229 6.17 -28.84 10.64
N LEU B 230 5.87 -30.11 10.88
CA LEU B 230 6.84 -31.20 10.72
C LEU B 230 7.27 -31.36 9.27
N GLU B 231 6.33 -31.26 8.34
CA GLU B 231 6.64 -31.17 6.90
C GLU B 231 7.65 -30.05 6.59
N ILE B 232 7.43 -28.87 7.18
CA ILE B 232 8.32 -27.71 6.98
C ILE B 232 9.70 -27.95 7.63
N ILE B 233 9.70 -28.51 8.85
CA ILE B 233 10.95 -28.87 9.54
C ILE B 233 11.82 -29.80 8.70
N ARG B 234 11.19 -30.81 8.07
CA ARG B 234 11.91 -31.77 7.22
C ARG B 234 12.53 -31.17 5.94
N VAL B 235 11.89 -30.15 5.37
CA VAL B 235 12.46 -29.42 4.22
C VAL B 235 13.69 -28.57 4.65
N ILE B 236 13.64 -28.04 5.87
CA ILE B 236 14.78 -27.29 6.43
C ILE B 236 15.99 -28.24 6.67
N LEU B 237 15.73 -29.38 7.31
CA LEU B 237 16.79 -30.38 7.56
C LEU B 237 17.45 -30.88 6.27
N LYS B 238 16.64 -31.10 5.23
CA LYS B 238 17.12 -31.51 3.90
C LYS B 238 17.92 -30.42 3.18
N LEU B 239 17.45 -29.19 3.29
CA LEU B 239 18.15 -27.99 2.76
C LEU B 239 19.63 -27.93 3.17
N TYR B 240 19.91 -28.17 4.47
CA TYR B 240 21.28 -28.13 4.99
C TYR B 240 22.15 -29.32 4.54
N GLU B 241 21.51 -30.44 4.21
CA GLU B 241 22.22 -31.59 3.64
C GLU B 241 22.58 -31.34 2.18
N GLN B 242 21.67 -30.77 1.40
CA GLN B 242 22.00 -30.32 0.03
C GLN B 242 23.09 -29.21 0.04
N TRP B 243 23.06 -28.32 1.04
CA TRP B 243 24.07 -27.27 1.21
C TRP B 243 25.47 -27.88 1.34
N LYS B 244 25.60 -28.83 2.26
CA LYS B 244 26.83 -29.62 2.48
C LYS B 244 27.36 -30.22 1.17
N ASN B 245 26.49 -30.89 0.44
CA ASN B 245 26.86 -31.64 -0.78
C ASN B 245 27.02 -30.82 -2.06
N PHE B 246 26.69 -29.52 -2.02
CA PHE B 246 26.66 -28.64 -3.19
C PHE B 246 27.82 -27.65 -3.14
N ASP B 247 28.54 -27.53 -4.26
CA ASP B 247 29.57 -26.49 -4.43
C ASP B 247 29.17 -25.62 -5.61
N GLU B 248 28.47 -24.52 -5.33
CA GLU B 248 27.95 -23.64 -6.39
C GLU B 248 29.06 -22.98 -7.20
N ARG B 249 30.18 -22.67 -6.54
CA ARG B 249 31.34 -22.06 -7.20
C ARG B 249 31.92 -22.97 -8.30
N LYS B 250 31.98 -24.27 -8.04
CA LYS B 250 32.47 -25.24 -9.02
C LYS B 250 31.44 -25.65 -10.08
N GLU B 251 30.14 -25.63 -9.73
CA GLU B 251 29.10 -26.22 -10.58
C GLU B 251 28.26 -25.26 -11.43
N MET B 252 28.13 -24.00 -11.03
CA MET B 252 27.07 -23.15 -11.59
C MET B 252 27.26 -22.72 -13.05
N ALA B 253 28.50 -22.53 -13.49
CA ALA B 253 28.79 -22.20 -14.90
C ALA B 253 28.25 -23.27 -15.85
N THR B 254 28.45 -24.54 -15.48
CA THR B 254 27.94 -25.67 -16.24
C THR B 254 26.42 -25.79 -16.15
N ILE B 255 25.85 -25.58 -14.96
CA ILE B 255 24.40 -25.62 -14.78
C ILE B 255 23.71 -24.49 -15.56
N LEU B 256 24.29 -23.28 -15.53
CA LEU B 256 23.80 -22.15 -16.32
C LEU B 256 23.88 -22.35 -17.84
N SER B 257 24.87 -23.10 -18.30
N SER B 257 24.88 -23.10 -18.31
CA SER B 257 25.00 -23.45 -19.73
CA SER B 257 25.00 -23.46 -19.74
C SER B 257 23.88 -24.40 -20.21
C SER B 257 23.87 -24.39 -20.20
N LYS B 258 23.43 -25.28 -19.32
CA LYS B 258 22.33 -26.21 -19.64
C LYS B 258 20.92 -25.57 -19.66
N MET B 259 20.77 -24.36 -19.10
CA MET B 259 19.46 -23.66 -19.09
C MET B 259 18.91 -23.50 -20.49
N PRO B 260 17.58 -23.65 -20.66
CA PRO B 260 17.01 -23.43 -21.99
C PRO B 260 17.16 -21.98 -22.44
N LYS B 261 17.51 -21.79 -23.70
CA LYS B 261 17.78 -20.47 -24.28
C LYS B 261 16.52 -19.92 -24.96
N PRO B 262 16.42 -18.58 -25.09
CA PRO B 262 15.26 -17.98 -25.74
C PRO B 262 15.29 -18.16 -27.25
N LYS B 263 14.12 -18.29 -27.86
CA LYS B 263 14.00 -18.28 -29.31
C LYS B 263 14.20 -16.83 -29.78
N PRO B 264 15.06 -16.62 -30.80
CA PRO B 264 15.21 -15.27 -31.36
C PRO B 264 14.01 -14.91 -32.24
N PRO B 265 13.86 -13.62 -32.60
CA PRO B 265 12.75 -13.23 -33.50
C PRO B 265 12.97 -13.69 -34.94
N PRO B 266 11.95 -13.51 -35.80
CA PRO B 266 12.06 -13.82 -37.23
C PRO B 266 12.93 -12.82 -37.98
#